data_6RXJ
#
_entry.id   6RXJ
#
_cell.length_a   131.100
_cell.length_b   131.260
_cell.length_c   58.540
_cell.angle_alpha   90.000
_cell.angle_beta   90.000
_cell.angle_gamma   90.000
#
_symmetry.space_group_name_H-M   'C 2 2 21'
#
loop_
_entity.id
_entity.type
_entity.pdbx_description
1 polymer 'NAD-dependent protein deacylase'
2 polymer 'Histone H4'
3 non-polymer 'ZINC ION'
4 water water
#
loop_
_entity_poly.entity_id
_entity_poly.type
_entity_poly.pdbx_seq_one_letter_code
_entity_poly.pdbx_strand_id
1 'polypeptide(L)'
;MGSSHHHHHHSQDPKPRVLVLTGAGISAESGIRTFRAADGLWEEHRVEDVATPEGFDRDPELVQAFYNARRRQLQQPEIQ
PNAAHLALAKLQDALGDRFLLVTQNIDNLHERAGNTNVIHMHGELLKVRCSQSGQVLDWTGDVTPEDKCHCCQFPAPLRP
HVVWFGEMPLGMDEIYMALSMADIFIAIGTSGHVYPAAGFVHEAKLHGAHTVELNLEPSQVGNEFAEKYYGPASQVVPEF
VEKLLKGLKAGSIA
;
A,B
2 'polypeptide(L)' KGGA(ALY)RHRKI C,D
#
# COMPACT_ATOMS: atom_id res chain seq x y z
N LYS A 15 -17.87 4.63 3.76
CA LYS A 15 -17.77 3.30 4.33
C LYS A 15 -16.47 3.15 5.10
N PRO A 16 -16.50 2.41 6.20
CA PRO A 16 -15.27 2.28 6.97
C PRO A 16 -14.21 1.45 6.26
N ARG A 17 -12.95 1.71 6.59
CA ARG A 17 -11.88 0.83 6.14
C ARG A 17 -11.80 -0.36 7.07
N VAL A 18 -11.86 -1.56 6.48
CA VAL A 18 -11.91 -2.80 7.24
C VAL A 18 -10.71 -3.66 6.88
N LEU A 19 -9.96 -4.05 7.90
CA LEU A 19 -8.85 -4.98 7.76
C LEU A 19 -9.21 -6.27 8.46
N VAL A 20 -9.19 -7.36 7.71
CA VAL A 20 -9.42 -8.69 8.30
C VAL A 20 -8.12 -9.51 8.31
N LEU A 21 -7.82 -10.11 9.46
CA LEU A 21 -6.73 -11.07 9.61
C LEU A 21 -7.33 -12.44 9.85
N THR A 22 -7.00 -13.44 9.05
CA THR A 22 -7.47 -14.78 9.34
C THR A 22 -6.34 -15.76 9.64
N GLY A 23 -6.69 -16.75 10.45
CA GLY A 23 -5.80 -17.85 10.80
C GLY A 23 -6.48 -19.19 10.61
N ALA A 24 -5.83 -20.23 11.15
CA ALA A 24 -6.19 -21.61 10.86
C ALA A 24 -7.60 -21.97 11.26
N GLY A 25 -8.14 -21.25 12.22
CA GLY A 25 -9.45 -21.55 12.75
C GLY A 25 -10.54 -21.47 11.72
N ILE A 26 -10.39 -20.56 10.75
CA ILE A 26 -11.45 -20.36 9.79
C ILE A 26 -11.56 -21.52 8.83
N SER A 27 -10.46 -22.24 8.62
CA SER A 27 -10.42 -23.33 7.65
C SER A 27 -10.56 -24.69 8.31
N ALA A 28 -10.70 -24.70 9.63
CA ALA A 28 -10.85 -25.96 10.35
C ALA A 28 -12.09 -26.74 9.91
N GLU A 29 -13.23 -26.06 9.77
CA GLU A 29 -14.47 -26.71 9.33
C GLU A 29 -14.37 -27.20 7.91
N SER A 30 -13.43 -26.64 7.14
CA SER A 30 -13.26 -27.07 5.78
C SER A 30 -12.44 -28.35 5.68
N GLY A 31 -11.83 -28.75 6.79
CA GLY A 31 -11.06 -29.98 6.86
C GLY A 31 -9.56 -29.80 6.81
N ILE A 32 -9.09 -28.58 7.09
CA ILE A 32 -7.66 -28.31 7.13
C ILE A 32 -7.24 -28.07 8.58
N ARG A 33 -6.32 -28.90 9.08
CA ARG A 33 -5.80 -28.72 10.44
C ARG A 33 -4.54 -27.88 10.43
N THR A 34 -4.04 -27.55 11.62
CA THR A 34 -2.82 -26.77 11.75
C THR A 34 -2.10 -27.24 13.00
N PHE A 35 -1.03 -26.54 13.39
CA PHE A 35 -0.34 -26.95 14.61
C PHE A 35 -1.16 -26.50 15.81
N ARG A 36 -0.93 -27.16 16.94
CA ARG A 36 -1.64 -26.90 18.18
C ARG A 36 -0.63 -26.56 19.27
N ALA A 37 -0.93 -25.52 20.04
CA ALA A 37 -0.05 -25.13 21.13
C ALA A 37 -0.15 -26.15 22.27
N ALA A 38 -1.26 -26.89 22.29
CA ALA A 38 -1.48 -27.91 23.31
C ALA A 38 -0.33 -28.90 23.37
N ASP A 39 0.09 -29.38 22.20
CA ASP A 39 1.21 -30.32 22.07
C ASP A 39 2.34 -29.74 21.21
N GLY A 40 2.06 -28.68 20.45
CA GLY A 40 3.07 -28.11 19.57
C GLY A 40 3.32 -28.92 18.31
N LEU A 41 2.26 -29.58 17.84
CA LEU A 41 2.34 -30.50 16.71
C LEU A 41 1.44 -30.10 15.55
N TRP A 42 1.96 -30.26 14.34
CA TRP A 42 1.24 -30.00 13.09
C TRP A 42 1.16 -31.33 12.34
N GLU A 43 -0.02 -31.93 12.28
CA GLU A 43 -0.16 -33.26 11.70
C GLU A 43 0.82 -34.21 12.40
N GLU A 44 0.85 -34.08 13.72
CA GLU A 44 1.68 -34.89 14.60
C GLU A 44 3.18 -34.75 14.38
N HIS A 45 3.58 -33.71 13.67
CA HIS A 45 5.00 -33.36 13.49
C HIS A 45 5.36 -32.21 14.39
N ARG A 46 6.57 -32.24 14.96
CA ARG A 46 7.10 -31.08 15.65
C ARG A 46 7.33 -29.95 14.66
N VAL A 47 6.92 -28.75 15.03
CA VAL A 47 7.08 -27.61 14.14
C VAL A 47 8.56 -27.36 13.81
N GLU A 48 9.43 -27.69 14.74
CA GLU A 48 10.87 -27.59 14.50
C GLU A 48 11.29 -28.36 13.27
N ASP A 49 10.66 -29.50 13.03
CA ASP A 49 11.10 -30.39 11.97
C ASP A 49 10.53 -30.07 10.60
N VAL A 50 9.35 -29.44 10.55
CA VAL A 50 8.69 -29.22 9.28
C VAL A 50 8.44 -27.77 8.91
N ALA A 51 8.74 -26.86 9.83
CA ALA A 51 8.54 -25.44 9.53
C ALA A 51 9.63 -24.53 10.08
N THR A 52 10.89 -24.93 9.91
CA THR A 52 12.03 -24.05 10.20
C THR A 52 13.06 -24.18 9.09
N PRO A 53 13.89 -23.16 8.91
CA PRO A 53 14.94 -23.30 7.90
C PRO A 53 15.90 -24.45 8.25
N GLU A 54 16.13 -24.67 9.54
CA GLU A 54 17.05 -25.73 9.99
C GLU A 54 16.47 -27.08 9.62
N GLY A 55 15.18 -27.28 9.91
CA GLY A 55 14.53 -28.53 9.59
C GLY A 55 14.67 -28.91 8.12
N PHE A 56 14.53 -27.90 7.26
CA PHE A 56 14.64 -28.10 5.82
C PHE A 56 16.06 -28.48 5.45
N ASP A 57 17.03 -27.85 6.11
CA ASP A 57 18.44 -28.18 5.87
C ASP A 57 18.76 -29.58 6.38
N ARG A 58 18.27 -29.91 7.57
CA ARG A 58 18.52 -31.22 8.18
C ARG A 58 17.92 -32.38 7.38
N ASP A 59 16.65 -32.25 6.96
CA ASP A 59 15.96 -33.35 6.29
C ASP A 59 15.05 -32.82 5.18
N PRO A 60 15.66 -32.37 4.08
CA PRO A 60 14.85 -31.82 2.98
C PRO A 60 13.85 -32.82 2.39
N GLU A 61 14.23 -34.10 2.33
CA GLU A 61 13.34 -35.12 1.80
C GLU A 61 12.06 -35.18 2.61
N LEU A 62 12.19 -35.18 3.94
CA LEU A 62 11.03 -35.25 4.80
C LEU A 62 10.18 -33.98 4.69
N VAL A 63 10.83 -32.81 4.69
CA VAL A 63 10.07 -31.56 4.63
C VAL A 63 9.35 -31.42 3.29
N GLN A 64 10.01 -31.75 2.18
CA GLN A 64 9.31 -31.70 0.90
C GLN A 64 8.14 -32.70 0.90
N ALA A 65 8.33 -33.86 1.50
CA ALA A 65 7.27 -34.86 1.57
C ALA A 65 6.09 -34.34 2.37
N PHE A 66 6.38 -33.65 3.47
CA PHE A 66 5.35 -33.06 4.31
C PHE A 66 4.51 -32.07 3.51
N TYR A 67 5.16 -31.12 2.82
CA TYR A 67 4.39 -30.13 2.07
C TYR A 67 3.75 -30.74 0.82
N ASN A 68 4.34 -31.80 0.27
CA ASN A 68 3.69 -32.53 -0.81
C ASN A 68 2.35 -33.12 -0.33
N ALA A 69 2.35 -33.68 0.89
CA ALA A 69 1.14 -34.24 1.45
C ALA A 69 0.10 -33.16 1.73
N ARG A 70 0.53 -32.05 2.32
CA ARG A 70 -0.38 -30.94 2.58
C ARG A 70 -0.97 -30.39 1.27
N ARG A 71 -0.14 -30.28 0.24
CA ARG A 71 -0.57 -29.72 -1.03
C ARG A 71 -1.59 -30.63 -1.72
N ARG A 72 -1.34 -31.94 -1.66
CA ARG A 72 -2.27 -32.90 -2.23
C ARG A 72 -3.60 -32.88 -1.46
N GLN A 73 -3.53 -32.84 -0.14
CA GLN A 73 -4.75 -32.89 0.65
C GLN A 73 -5.61 -31.64 0.44
N LEU A 74 -4.96 -30.51 0.19
CA LEU A 74 -5.67 -29.26 0.00
C LEU A 74 -6.58 -29.34 -1.22
N GLN A 75 -6.20 -30.17 -2.19
CA GLN A 75 -6.90 -30.21 -3.47
C GLN A 75 -7.84 -31.40 -3.62
N GLN A 76 -8.13 -32.09 -2.52
CA GLN A 76 -9.09 -33.18 -2.56
C GLN A 76 -10.50 -32.60 -2.63
N PRO A 77 -11.41 -33.29 -3.33
CA PRO A 77 -12.75 -32.76 -3.56
C PRO A 77 -13.54 -32.46 -2.29
N GLU A 78 -13.28 -33.17 -1.20
CA GLU A 78 -14.04 -32.94 0.03
C GLU A 78 -13.65 -31.63 0.73
N ILE A 79 -12.55 -31.02 0.29
CA ILE A 79 -12.09 -29.75 0.85
C ILE A 79 -12.73 -28.58 0.10
N GLN A 80 -13.49 -27.78 0.83
CA GLN A 80 -14.25 -26.69 0.23
C GLN A 80 -14.22 -25.47 1.15
N PRO A 81 -14.27 -24.25 0.58
CA PRO A 81 -14.49 -23.10 1.45
C PRO A 81 -15.80 -23.27 2.22
N ASN A 82 -15.87 -22.73 3.43
CA ASN A 82 -17.10 -22.80 4.19
C ASN A 82 -17.77 -21.43 4.26
N ALA A 83 -18.93 -21.35 4.92
CA ALA A 83 -19.70 -20.10 4.92
C ALA A 83 -18.91 -18.92 5.48
N ALA A 84 -17.93 -19.16 6.36
CA ALA A 84 -17.09 -18.06 6.85
C ALA A 84 -16.27 -17.48 5.71
N HIS A 85 -15.66 -18.34 4.90
CA HIS A 85 -14.92 -17.83 3.75
C HIS A 85 -15.84 -17.03 2.81
N LEU A 86 -17.02 -17.58 2.57
CA LEU A 86 -17.96 -16.96 1.65
C LEU A 86 -18.37 -15.59 2.18
N ALA A 87 -18.60 -15.48 3.49
CA ALA A 87 -19.02 -14.21 4.07
C ALA A 87 -17.97 -13.12 3.87
N LEU A 88 -16.68 -13.48 3.93
CA LEU A 88 -15.62 -12.51 3.76
C LEU A 88 -15.56 -12.05 2.31
N ALA A 89 -15.94 -12.92 1.39
CA ALA A 89 -15.98 -12.53 -0.02
C ALA A 89 -17.11 -11.51 -0.22
N LYS A 90 -18.23 -11.71 0.46
CA LYS A 90 -19.35 -10.77 0.39
C LYS A 90 -18.97 -9.45 1.03
N LEU A 91 -18.14 -9.52 2.06
CA LEU A 91 -17.71 -8.29 2.72
C LEU A 91 -16.83 -7.47 1.76
N GLN A 92 -15.93 -8.14 1.05
CA GLN A 92 -15.09 -7.45 0.09
C GLN A 92 -15.93 -6.86 -1.04
N ASP A 93 -16.93 -7.61 -1.51
CA ASP A 93 -17.85 -7.13 -2.55
C ASP A 93 -18.48 -5.80 -2.11
N ALA A 94 -18.84 -5.71 -0.83
CA ALA A 94 -19.54 -4.52 -0.33
C ALA A 94 -18.65 -3.31 -0.15
N LEU A 95 -17.38 -3.54 0.21
CA LEU A 95 -16.48 -2.46 0.60
C LEU A 95 -15.45 -2.09 -0.46
N GLY A 96 -15.22 -3.00 -1.42
CA GLY A 96 -14.28 -2.75 -2.49
C GLY A 96 -12.88 -2.41 -1.99
N ASP A 97 -12.37 -1.26 -2.41
CA ASP A 97 -11.00 -0.86 -2.09
C ASP A 97 -10.77 -0.52 -0.63
N ARG A 98 -11.85 -0.42 0.15
CA ARG A 98 -11.72 -0.08 1.55
C ARG A 98 -11.68 -1.34 2.41
N PHE A 99 -11.47 -2.50 1.78
CA PHE A 99 -11.33 -3.79 2.45
C PHE A 99 -9.98 -4.39 2.12
N LEU A 100 -9.35 -5.00 3.10
CA LEU A 100 -8.13 -5.77 2.88
C LEU A 100 -8.17 -7.04 3.72
N LEU A 101 -7.86 -8.16 3.09
CA LEU A 101 -7.76 -9.43 3.79
C LEU A 101 -6.32 -9.90 3.85
N VAL A 102 -5.84 -10.13 5.06
CA VAL A 102 -4.52 -10.67 5.33
C VAL A 102 -4.72 -12.03 5.95
N THR A 103 -4.04 -13.05 5.44
CA THR A 103 -4.23 -14.38 6.03
C THR A 103 -2.90 -14.99 6.43
N GLN A 104 -2.92 -15.67 7.57
CA GLN A 104 -1.81 -16.53 8.00
C GLN A 104 -1.82 -17.88 7.30
N ASN A 105 -2.94 -18.17 6.63
CA ASN A 105 -3.18 -19.48 6.08
C ASN A 105 -2.45 -19.66 4.77
N ILE A 106 -1.99 -20.89 4.54
CA ILE A 106 -1.31 -21.22 3.29
C ILE A 106 -2.23 -21.94 2.30
N ASP A 107 -3.47 -22.17 2.68
CA ASP A 107 -4.49 -22.74 1.78
C ASP A 107 -5.00 -21.66 0.84
N ASN A 108 -5.78 -22.08 -0.17
CA ASN A 108 -6.35 -21.17 -1.16
C ASN A 108 -7.87 -21.02 -1.03
N LEU A 109 -8.39 -21.22 0.18
CA LEU A 109 -9.82 -21.22 0.32
C LEU A 109 -10.44 -19.83 0.24
N HIS A 110 -9.70 -18.80 0.62
CA HIS A 110 -10.21 -17.44 0.45
C HIS A 110 -10.38 -17.13 -1.04
N GLU A 111 -9.41 -17.55 -1.83
CA GLU A 111 -9.46 -17.33 -3.28
C GLU A 111 -10.62 -18.11 -3.90
N ARG A 112 -10.79 -19.36 -3.48
CA ARG A 112 -11.89 -20.19 -4.01
C ARG A 112 -13.26 -19.62 -3.63
N ALA A 113 -13.31 -18.89 -2.52
CA ALA A 113 -14.54 -18.27 -2.06
C ALA A 113 -14.87 -17.00 -2.83
N GLY A 114 -13.87 -16.42 -3.46
CA GLY A 114 -14.08 -15.24 -4.27
C GLY A 114 -13.35 -13.99 -3.82
N ASN A 115 -12.57 -14.05 -2.73
CA ASN A 115 -11.77 -12.91 -2.34
C ASN A 115 -10.63 -12.72 -3.33
N THR A 116 -10.26 -11.45 -3.57
CA THR A 116 -9.12 -11.10 -4.40
C THR A 116 -8.16 -10.20 -3.66
N ASN A 117 -6.91 -10.13 -4.13
CA ASN A 117 -5.88 -9.31 -3.52
C ASN A 117 -5.62 -9.71 -2.06
N VAL A 118 -5.70 -11.00 -1.79
CA VAL A 118 -5.43 -11.51 -0.44
C VAL A 118 -3.93 -11.48 -0.17
N ILE A 119 -3.52 -10.92 0.96
CA ILE A 119 -2.12 -10.95 1.36
C ILE A 119 -1.87 -12.21 2.16
N HIS A 120 -1.11 -13.13 1.57
CA HIS A 120 -0.70 -14.34 2.28
C HIS A 120 0.60 -14.10 3.02
N MET A 121 0.51 -13.68 4.27
CA MET A 121 1.70 -13.26 4.99
C MET A 121 2.65 -14.42 5.30
N HIS A 122 2.14 -15.66 5.27
CA HIS A 122 2.98 -16.84 5.49
C HIS A 122 3.13 -17.69 4.23
N GLY A 123 2.80 -17.12 3.07
CA GLY A 123 2.99 -17.83 1.82
C GLY A 123 1.80 -18.69 1.45
N GLU A 124 2.00 -19.56 0.45
CA GLU A 124 0.93 -20.32 -0.16
C GLU A 124 1.40 -21.72 -0.51
N LEU A 125 0.63 -22.71 -0.14
CA LEU A 125 0.98 -24.09 -0.41
C LEU A 125 1.04 -24.39 -1.91
N LEU A 126 0.24 -23.68 -2.71
CA LEU A 126 0.14 -23.93 -4.16
C LEU A 126 1.13 -23.06 -4.96
N LYS A 127 2.21 -22.67 -4.30
CA LYS A 127 3.32 -22.00 -4.94
C LYS A 127 4.64 -22.53 -4.42
N VAL A 128 5.65 -22.52 -5.28
CA VAL A 128 7.00 -22.82 -4.85
C VAL A 128 7.89 -21.67 -5.23
N ARG A 129 9.09 -21.68 -4.68
CA ARG A 129 10.01 -20.57 -4.84
C ARG A 129 11.38 -21.10 -5.18
N CYS A 130 12.03 -20.43 -6.13
CA CYS A 130 13.41 -20.71 -6.44
C CYS A 130 14.27 -20.32 -5.27
N SER A 131 15.07 -21.26 -4.78
CA SER A 131 15.87 -21.03 -3.59
C SER A 131 17.01 -20.06 -3.85
N GLN A 132 17.22 -19.73 -5.12
CA GLN A 132 18.33 -18.89 -5.54
C GLN A 132 17.86 -17.46 -5.86
N SER A 133 16.85 -17.35 -6.71
CA SER A 133 16.38 -16.05 -7.21
C SER A 133 15.22 -15.48 -6.40
N GLY A 134 14.52 -16.34 -5.68
CA GLY A 134 13.35 -15.93 -4.94
C GLY A 134 12.11 -15.78 -5.80
N GLN A 135 12.21 -16.10 -7.08
CA GLN A 135 11.04 -16.01 -7.94
C GLN A 135 10.05 -17.10 -7.59
N VAL A 136 8.76 -16.75 -7.68
CA VAL A 136 7.69 -17.63 -7.27
C VAL A 136 6.96 -18.23 -8.46
N LEU A 137 6.64 -19.52 -8.36
CA LEU A 137 5.91 -20.26 -9.37
C LEU A 137 4.62 -20.85 -8.80
N ASP A 138 3.56 -20.87 -9.58
CA ASP A 138 2.37 -21.66 -9.26
C ASP A 138 2.77 -23.12 -9.38
N TRP A 139 2.28 -23.95 -8.46
CA TRP A 139 2.71 -25.34 -8.38
C TRP A 139 1.65 -26.16 -7.68
N THR A 140 1.05 -27.13 -8.38
CA THR A 140 -0.04 -27.92 -7.81
C THR A 140 0.36 -29.36 -7.49
N GLY A 141 1.49 -29.82 -8.04
CA GLY A 141 1.92 -31.18 -7.84
C GLY A 141 3.01 -31.36 -6.80
N ASP A 142 3.54 -32.57 -6.74
CA ASP A 142 4.67 -32.85 -5.86
C ASP A 142 5.91 -32.06 -6.28
N VAL A 143 6.74 -31.77 -5.29
CA VAL A 143 8.10 -31.27 -5.54
C VAL A 143 9.08 -32.41 -5.25
N THR A 144 9.79 -32.83 -6.29
CA THR A 144 10.78 -33.92 -6.17
C THR A 144 12.19 -33.35 -6.26
N PRO A 145 13.21 -34.16 -5.91
CA PRO A 145 14.59 -33.66 -5.99
C PRO A 145 15.01 -33.28 -7.41
N GLU A 146 14.35 -33.86 -8.40
CA GLU A 146 14.66 -33.57 -9.79
C GLU A 146 14.06 -32.23 -10.24
N ASP A 147 13.17 -31.65 -9.44
CA ASP A 147 12.54 -30.39 -9.79
C ASP A 147 13.44 -29.20 -9.47
N LYS A 148 13.84 -28.48 -10.52
CA LYS A 148 14.68 -27.31 -10.40
C LYS A 148 13.99 -26.13 -11.07
N CYS A 149 14.47 -24.93 -10.80
CA CYS A 149 13.84 -23.73 -11.32
C CYS A 149 14.06 -23.60 -12.83
N HIS A 150 13.36 -22.67 -13.44
CA HIS A 150 13.63 -22.33 -14.84
C HIS A 150 13.87 -20.84 -14.95
N CYS A 151 14.23 -20.21 -13.83
CA CYS A 151 14.48 -18.77 -13.82
C CYS A 151 15.96 -18.43 -13.76
N CYS A 152 16.81 -19.45 -13.60
CA CYS A 152 18.24 -19.25 -13.41
C CYS A 152 19.07 -19.95 -14.47
N GLN A 153 20.19 -19.35 -14.85
CA GLN A 153 21.09 -19.99 -15.79
C GLN A 153 21.55 -21.34 -15.24
N PHE A 154 21.92 -21.34 -13.97
CA PHE A 154 22.24 -22.56 -13.26
C PHE A 154 21.03 -22.96 -12.42
N PRO A 155 20.25 -23.94 -12.88
CA PRO A 155 18.99 -24.26 -12.19
C PRO A 155 19.18 -24.58 -10.72
N ALA A 156 18.30 -24.06 -9.87
CA ALA A 156 18.43 -24.25 -8.42
C ALA A 156 17.23 -25.03 -7.88
N PRO A 157 17.39 -25.66 -6.70
CA PRO A 157 16.29 -26.40 -6.09
C PRO A 157 15.10 -25.50 -5.74
N LEU A 158 13.92 -26.09 -5.76
CA LEU A 158 12.68 -25.40 -5.41
C LEU A 158 12.32 -25.71 -3.97
N ARG A 159 11.78 -24.72 -3.27
CA ARG A 159 11.27 -24.92 -1.92
C ARG A 159 9.81 -24.51 -1.86
N PRO A 160 9.08 -24.99 -0.84
CA PRO A 160 7.72 -24.47 -0.70
C PRO A 160 7.74 -22.95 -0.47
N HIS A 161 6.81 -22.24 -1.10
CA HIS A 161 6.67 -20.81 -0.85
C HIS A 161 5.85 -20.60 0.41
N VAL A 162 6.40 -21.07 1.51
CA VAL A 162 5.78 -21.04 2.82
C VAL A 162 6.78 -20.42 3.78
N VAL A 163 6.33 -19.44 4.56
CA VAL A 163 7.20 -18.79 5.53
C VAL A 163 7.36 -19.67 6.74
N TRP A 164 8.61 -19.97 7.07
CA TRP A 164 8.89 -20.81 8.21
C TRP A 164 9.19 -19.96 9.44
N PHE A 165 9.03 -20.57 10.61
CA PHE A 165 9.38 -19.89 11.84
C PHE A 165 10.86 -19.50 11.76
N GLY A 166 11.16 -18.25 12.06
CA GLY A 166 12.51 -17.71 11.91
C GLY A 166 12.69 -16.90 10.65
N GLU A 167 11.71 -16.97 9.75
CA GLU A 167 11.75 -16.21 8.51
C GLU A 167 10.81 -15.01 8.57
N MET A 168 11.06 -14.01 7.73
CA MET A 168 10.24 -12.81 7.73
C MET A 168 8.92 -13.04 6.96
N PRO A 169 7.78 -12.64 7.54
CA PRO A 169 6.53 -12.78 6.80
C PRO A 169 6.51 -11.90 5.58
N LEU A 170 5.60 -12.22 4.68
CA LEU A 170 5.46 -11.53 3.40
C LEU A 170 4.47 -10.39 3.51
N GLY A 171 4.72 -9.32 2.76
CA GLY A 171 3.80 -8.19 2.69
C GLY A 171 3.69 -7.32 3.95
N MET A 172 4.69 -7.34 4.81
CA MET A 172 4.63 -6.65 6.09
C MET A 172 4.48 -5.15 5.95
N ASP A 173 5.14 -4.54 4.97
CA ASP A 173 4.95 -3.10 4.79
C ASP A 173 3.49 -2.74 4.49
N GLU A 174 2.87 -3.49 3.58
CA GLU A 174 1.48 -3.26 3.23
C GLU A 174 0.54 -3.52 4.41
N ILE A 175 0.84 -4.56 5.18
CA ILE A 175 0.03 -4.89 6.36
C ILE A 175 0.08 -3.77 7.39
N TYR A 176 1.28 -3.24 7.69
CA TYR A 176 1.36 -2.19 8.70
C TYR A 176 0.70 -0.90 8.22
N MET A 177 0.75 -0.63 6.91
CA MET A 177 0.00 0.51 6.35
C MET A 177 -1.49 0.35 6.63
N ALA A 178 -2.01 -0.84 6.36
CA ALA A 178 -3.43 -1.09 6.55
C ALA A 178 -3.79 -1.03 8.03
N LEU A 179 -2.90 -1.49 8.89
CA LEU A 179 -3.16 -1.45 10.32
C LEU A 179 -3.30 -0.03 10.82
N SER A 180 -2.55 0.91 10.24
CA SER A 180 -2.67 2.29 10.71
C SER A 180 -3.86 2.99 10.06
N MET A 181 -4.41 2.39 9.00
CA MET A 181 -5.52 2.99 8.27
C MET A 181 -6.89 2.44 8.69
N ALA A 182 -6.92 1.26 9.27
CA ALA A 182 -8.19 0.56 9.49
C ALA A 182 -9.07 1.26 10.51
N ASP A 183 -10.35 1.38 10.19
CA ASP A 183 -11.38 1.82 11.13
C ASP A 183 -11.86 0.63 11.96
N ILE A 184 -11.91 -0.54 11.33
CA ILE A 184 -12.28 -1.79 11.99
C ILE A 184 -11.25 -2.86 11.65
N PHE A 185 -10.72 -3.50 12.68
CA PHE A 185 -9.79 -4.62 12.55
C PHE A 185 -10.46 -5.87 13.09
N ILE A 186 -10.56 -6.91 12.26
CA ILE A 186 -11.21 -8.16 12.66
C ILE A 186 -10.24 -9.30 12.57
N ALA A 187 -9.99 -10.00 13.68
CA ALA A 187 -9.13 -11.18 13.67
C ALA A 187 -10.00 -12.43 13.77
N ILE A 188 -9.85 -13.32 12.81
CA ILE A 188 -10.74 -14.48 12.68
C ILE A 188 -9.95 -15.77 12.73
N GLY A 189 -10.24 -16.62 13.70
CA GLY A 189 -9.62 -17.93 13.72
C GLY A 189 -8.14 -17.96 14.04
N THR A 190 -7.63 -16.98 14.77
CA THR A 190 -6.21 -16.91 15.14
C THR A 190 -6.00 -17.42 16.56
N SER A 191 -4.81 -17.96 16.86
CA SER A 191 -4.57 -18.60 18.17
C SER A 191 -4.03 -17.62 19.22
N GLY A 192 -3.39 -16.57 18.74
CA GLY A 192 -2.76 -15.60 19.62
C GLY A 192 -1.34 -16.02 19.99
N HIS A 193 -0.87 -17.12 19.42
CA HIS A 193 0.45 -17.69 19.71
C HIS A 193 1.51 -17.41 18.64
N VAL A 194 1.09 -16.99 17.46
CA VAL A 194 2.01 -16.78 16.33
C VAL A 194 2.21 -15.30 16.06
N TYR A 195 3.45 -14.84 16.26
CA TYR A 195 3.85 -13.45 16.04
C TYR A 195 4.57 -13.36 14.71
N PRO A 196 4.60 -12.17 14.10
CA PRO A 196 4.02 -10.92 14.56
C PRO A 196 2.48 -10.83 14.45
N ALA A 197 1.83 -11.79 13.78
CA ALA A 197 0.41 -11.63 13.50
C ALA A 197 -0.39 -11.39 14.79
N ALA A 198 -0.02 -12.08 15.87
CA ALA A 198 -0.78 -11.96 17.12
C ALA A 198 -0.67 -10.58 17.75
N GLY A 199 0.31 -9.79 17.31
CA GLY A 199 0.49 -8.46 17.81
C GLY A 199 -0.25 -7.40 17.02
N PHE A 200 -0.85 -7.79 15.89
CA PHE A 200 -1.51 -6.82 15.02
C PHE A 200 -2.64 -6.09 15.75
N VAL A 201 -3.33 -6.77 16.65
CA VAL A 201 -4.46 -6.14 17.35
C VAL A 201 -3.97 -4.95 18.17
N HIS A 202 -2.78 -5.07 18.76
CA HIS A 202 -2.19 -3.99 19.54
C HIS A 202 -1.94 -2.79 18.66
N GLU A 203 -1.38 -3.06 17.49
CA GLU A 203 -1.08 -2.00 16.53
C GLU A 203 -2.36 -1.31 16.05
N ALA A 204 -3.38 -2.10 15.73
CA ALA A 204 -4.65 -1.55 15.30
C ALA A 204 -5.23 -0.63 16.36
N LYS A 205 -5.19 -1.07 17.61
CA LYS A 205 -5.77 -0.29 18.70
C LYS A 205 -5.06 1.04 18.86
N LEU A 206 -3.74 1.02 18.75
CA LEU A 206 -2.93 2.24 18.84
C LEU A 206 -3.37 3.31 17.87
N HIS A 207 -3.81 2.90 16.68
CA HIS A 207 -4.23 3.85 15.65
C HIS A 207 -5.73 4.10 15.67
N GLY A 208 -6.38 3.64 16.73
CA GLY A 208 -7.77 4.00 16.97
C GLY A 208 -8.82 3.10 16.35
N ALA A 209 -8.40 1.93 15.87
CA ALA A 209 -9.34 1.01 15.24
C ALA A 209 -10.23 0.34 16.27
N HIS A 210 -11.45 0.05 15.87
CA HIS A 210 -12.34 -0.82 16.62
C HIS A 210 -11.93 -2.26 16.30
N THR A 211 -11.64 -3.04 17.34
CA THR A 211 -11.08 -4.37 17.20
C THR A 211 -12.12 -5.43 17.53
N VAL A 212 -12.17 -6.46 16.68
CA VAL A 212 -13.15 -7.54 16.79
C VAL A 212 -12.44 -8.90 16.70
N GLU A 213 -12.73 -9.83 17.62
CA GLU A 213 -12.24 -11.21 17.47
C GLU A 213 -13.43 -12.11 17.18
N LEU A 214 -13.30 -12.94 16.15
CA LEU A 214 -14.27 -13.99 15.82
C LEU A 214 -13.51 -15.31 15.84
N ASN A 215 -13.86 -16.25 16.74
CA ASN A 215 -13.03 -17.43 16.89
C ASN A 215 -13.83 -18.61 17.41
N LEU A 216 -13.31 -19.83 17.25
CA LEU A 216 -13.98 -21.00 17.83
C LEU A 216 -13.82 -20.94 19.34
N GLU A 217 -12.64 -20.55 19.79
CA GLU A 217 -12.40 -20.30 21.20
C GLU A 217 -11.47 -19.10 21.37
N PRO A 218 -11.51 -18.44 22.54
CA PRO A 218 -10.73 -17.22 22.74
C PRO A 218 -9.22 -17.38 22.46
N SER A 219 -8.63 -16.42 21.76
CA SER A 219 -7.18 -16.45 21.54
C SER A 219 -6.47 -15.90 22.76
N GLN A 220 -5.16 -16.08 22.82
CA GLN A 220 -4.38 -15.63 23.96
C GLN A 220 -4.53 -14.13 24.18
N VAL A 221 -4.68 -13.38 23.08
CA VAL A 221 -4.75 -11.93 23.13
C VAL A 221 -6.21 -11.46 23.00
N GLY A 222 -7.14 -12.37 23.28
CA GLY A 222 -8.56 -12.08 23.18
C GLY A 222 -9.03 -10.89 23.99
N ASN A 223 -8.48 -10.73 25.20
CA ASN A 223 -8.89 -9.67 26.10
C ASN A 223 -8.57 -8.25 25.58
N GLU A 224 -7.75 -8.16 24.54
CA GLU A 224 -7.38 -6.87 23.95
C GLU A 224 -8.37 -6.39 22.88
N PHE A 225 -9.30 -7.25 22.51
CA PHE A 225 -10.33 -6.91 21.54
C PHE A 225 -11.51 -6.25 22.21
N ALA A 226 -12.07 -5.25 21.55
CA ALA A 226 -13.20 -4.51 22.08
C ALA A 226 -14.50 -5.33 22.00
N GLU A 227 -14.63 -6.09 20.92
CA GLU A 227 -15.83 -6.86 20.62
C GLU A 227 -15.40 -8.28 20.25
N LYS A 228 -16.11 -9.29 20.73
CA LYS A 228 -15.68 -10.68 20.60
C LYS A 228 -16.89 -11.58 20.43
N TYR A 229 -16.83 -12.51 19.49
CA TYR A 229 -17.87 -13.52 19.33
C TYR A 229 -17.24 -14.86 19.09
N TYR A 230 -17.77 -15.90 19.74
CA TYR A 230 -17.18 -17.21 19.68
C TYR A 230 -18.19 -18.27 19.25
N GLY A 231 -17.69 -19.30 18.59
CA GLY A 231 -18.52 -20.37 18.06
C GLY A 231 -17.97 -20.85 16.74
N PRO A 232 -18.67 -21.81 16.13
CA PRO A 232 -18.24 -22.32 14.82
C PRO A 232 -18.10 -21.19 13.82
N ALA A 233 -16.98 -21.15 13.11
CA ALA A 233 -16.74 -20.03 12.20
C ALA A 233 -17.83 -19.91 11.18
N SER A 234 -18.33 -21.03 10.70
CA SER A 234 -19.33 -21.01 9.63
C SER A 234 -20.67 -20.40 10.08
N GLN A 235 -20.82 -20.18 11.39
CA GLN A 235 -22.00 -19.56 11.90
C GLN A 235 -21.67 -18.15 12.40
N VAL A 236 -20.57 -18.04 13.15
CA VAL A 236 -20.21 -16.78 13.78
C VAL A 236 -19.79 -15.71 12.74
N VAL A 237 -19.01 -16.11 11.75
CA VAL A 237 -18.50 -15.12 10.82
C VAL A 237 -19.61 -14.55 9.90
N PRO A 238 -20.49 -15.40 9.32
CA PRO A 238 -21.60 -14.85 8.52
C PRO A 238 -22.49 -13.96 9.37
N GLU A 239 -22.69 -14.33 10.62
CA GLU A 239 -23.53 -13.54 11.50
C GLU A 239 -22.95 -12.15 11.75
N PHE A 240 -21.64 -12.09 11.99
CA PHE A 240 -21.00 -10.79 12.21
C PHE A 240 -20.96 -9.98 10.91
N VAL A 241 -20.64 -10.61 9.79
CA VAL A 241 -20.63 -9.88 8.52
C VAL A 241 -22.01 -9.32 8.19
N GLU A 242 -23.06 -10.08 8.45
CA GLU A 242 -24.41 -9.59 8.26
C GLU A 242 -24.68 -8.37 9.14
N LYS A 243 -24.28 -8.46 10.42
CA LYS A 243 -24.45 -7.36 11.36
C LYS A 243 -23.73 -6.11 10.86
N LEU A 244 -22.49 -6.28 10.42
CA LEU A 244 -21.68 -5.18 9.92
C LEU A 244 -22.28 -4.57 8.66
N LEU A 245 -22.71 -5.40 7.72
CA LEU A 245 -23.30 -4.89 6.48
C LEU A 245 -24.61 -4.14 6.74
N LYS A 246 -25.38 -4.63 7.71
CA LYS A 246 -26.65 -3.97 8.03
C LYS A 246 -26.37 -2.61 8.67
N GLY A 247 -25.33 -2.54 9.49
CA GLY A 247 -24.90 -1.29 10.10
C GLY A 247 -24.52 -0.25 9.06
N LEU A 248 -24.04 -0.71 7.91
CA LEU A 248 -23.69 0.17 6.80
C LEU A 248 -24.92 0.68 6.05
N LYS A 249 -26.09 0.17 6.42
CA LYS A 249 -27.36 0.53 5.78
C LYS A 249 -27.40 -0.05 4.38
N LYS B 15 -16.64 19.16 8.39
CA LYS B 15 -17.41 20.38 8.16
C LYS B 15 -16.61 21.40 7.34
N PRO B 16 -15.41 21.78 7.79
CA PRO B 16 -14.72 22.77 6.96
C PRO B 16 -14.25 22.20 5.63
N ARG B 17 -14.13 23.05 4.62
CA ARG B 17 -13.48 22.65 3.39
C ARG B 17 -11.98 22.77 3.52
N VAL B 18 -11.29 21.68 3.22
CA VAL B 18 -9.85 21.60 3.42
C VAL B 18 -9.17 21.31 2.09
N LEU B 19 -8.23 22.18 1.72
CA LEU B 19 -7.40 21.97 0.54
C LEU B 19 -5.98 21.71 0.97
N VAL B 20 -5.43 20.57 0.57
CA VAL B 20 -4.03 20.24 0.86
C VAL B 20 -3.20 20.30 -0.41
N LEU B 21 -2.07 20.99 -0.34
CA LEU B 21 -1.06 20.99 -1.37
C LEU B 21 0.18 20.26 -0.87
N THR B 22 0.63 19.24 -1.58
CA THR B 22 1.87 18.58 -1.19
C THR B 22 2.97 18.71 -2.23
N GLY B 23 4.19 18.67 -1.73
CA GLY B 23 5.39 18.71 -2.53
C GLY B 23 6.35 17.62 -2.10
N ALA B 24 7.58 17.73 -2.60
CA ALA B 24 8.55 16.64 -2.52
C ALA B 24 8.91 16.24 -1.12
N GLY B 25 8.77 17.18 -0.19
CA GLY B 25 9.16 16.94 1.19
C GLY B 25 8.42 15.79 1.81
N ILE B 26 7.16 15.58 1.39
CA ILE B 26 6.37 14.56 2.06
C ILE B 26 6.86 13.17 1.69
N SER B 27 7.48 13.04 0.53
CA SER B 27 7.89 11.73 0.04
C SER B 27 9.38 11.46 0.26
N ALA B 28 10.06 12.43 0.86
CA ALA B 28 11.50 12.29 1.15
C ALA B 28 11.78 11.08 2.03
N GLU B 29 10.99 10.92 3.10
CA GLU B 29 11.17 9.80 4.02
C GLU B 29 10.86 8.47 3.36
N SER B 30 10.11 8.50 2.27
CA SER B 30 9.77 7.29 1.57
C SER B 30 10.89 6.84 0.65
N GLY B 31 11.86 7.73 0.46
CA GLY B 31 13.02 7.43 -0.38
C GLY B 31 13.00 8.03 -1.77
N ILE B 32 12.18 9.06 -1.98
CA ILE B 32 12.13 9.75 -3.26
C ILE B 32 12.74 11.14 -3.13
N ARG B 33 13.79 11.43 -3.91
CA ARG B 33 14.39 12.77 -3.91
C ARG B 33 13.78 13.65 -4.98
N THR B 34 14.17 14.92 -4.99
CA THR B 34 13.70 15.86 -6.00
C THR B 34 14.81 16.88 -6.26
N PHE B 35 14.52 17.90 -7.07
CA PHE B 35 15.46 19.01 -7.23
C PHE B 35 15.47 19.91 -6.01
N ARG B 36 16.61 20.55 -5.77
CA ARG B 36 16.79 21.41 -4.61
C ARG B 36 17.33 22.75 -5.08
N ALA B 37 16.87 23.83 -4.46
CA ALA B 37 17.35 25.15 -4.84
C ALA B 37 18.80 25.33 -4.39
N ALA B 38 19.19 24.59 -3.35
CA ALA B 38 20.57 24.60 -2.83
C ALA B 38 21.58 24.26 -3.91
N ASP B 39 21.27 23.26 -4.73
CA ASP B 39 22.20 22.81 -5.77
C ASP B 39 21.64 23.08 -7.16
N GLY B 40 20.32 23.22 -7.26
CA GLY B 40 19.66 23.39 -8.55
C GLY B 40 19.71 22.09 -9.33
N LEU B 41 19.85 20.98 -8.59
CA LEU B 41 20.05 19.66 -9.19
C LEU B 41 19.01 18.65 -8.76
N TRP B 42 18.59 17.82 -9.71
CA TRP B 42 17.65 16.73 -9.48
C TRP B 42 18.38 15.44 -9.82
N GLU B 43 18.71 14.63 -8.82
CA GLU B 43 19.53 13.45 -9.05
C GLU B 43 20.80 13.86 -9.77
N GLU B 44 21.38 14.95 -9.31
CA GLU B 44 22.62 15.51 -9.84
C GLU B 44 22.55 15.95 -11.29
N HIS B 45 21.33 16.10 -11.81
CA HIS B 45 21.09 16.66 -13.15
C HIS B 45 20.63 18.10 -13.03
N ARG B 46 21.08 18.96 -13.96
CA ARG B 46 20.53 20.29 -14.08
C ARG B 46 19.08 20.18 -14.55
N VAL B 47 18.19 20.93 -13.90
CA VAL B 47 16.78 20.89 -14.24
C VAL B 47 16.58 21.30 -15.71
N GLU B 48 17.46 22.16 -16.20
CA GLU B 48 17.42 22.57 -17.61
C GLU B 48 17.47 21.39 -18.54
N ASP B 49 18.23 20.37 -18.17
CA ASP B 49 18.49 19.25 -19.07
C ASP B 49 17.43 18.14 -19.00
N VAL B 50 16.76 18.01 -17.86
CA VAL B 50 15.83 16.90 -17.70
C VAL B 50 14.38 17.30 -17.44
N ALA B 51 14.12 18.60 -17.28
CA ALA B 51 12.76 19.05 -17.02
C ALA B 51 12.39 20.35 -17.72
N THR B 52 12.77 20.46 -18.99
CA THR B 52 12.30 21.55 -19.87
C THR B 52 11.95 20.98 -21.24
N PRO B 53 11.08 21.68 -21.99
CA PRO B 53 10.81 21.23 -23.35
C PRO B 53 12.08 21.26 -24.22
N GLU B 54 12.97 22.23 -24.00
CA GLU B 54 14.22 22.32 -24.77
C GLU B 54 15.08 21.12 -24.52
N GLY B 55 15.23 20.78 -23.24
CA GLY B 55 16.06 19.66 -22.84
C GLY B 55 15.62 18.39 -23.54
N PHE B 56 14.31 18.21 -23.64
CA PHE B 56 13.74 17.04 -24.29
C PHE B 56 14.03 17.05 -25.79
N ASP B 57 13.96 18.23 -26.39
CA ASP B 57 14.26 18.37 -27.81
C ASP B 57 15.75 18.15 -28.06
N ARG B 58 16.60 18.73 -27.22
CA ARG B 58 18.05 18.61 -27.37
C ARG B 58 18.55 17.17 -27.23
N ASP B 59 18.09 16.46 -26.19
CA ASP B 59 18.60 15.11 -25.90
C ASP B 59 17.47 14.20 -25.42
N PRO B 60 16.58 13.80 -26.32
CA PRO B 60 15.44 12.95 -25.93
C PRO B 60 15.86 11.60 -25.35
N GLU B 61 16.96 11.04 -25.84
CA GLU B 61 17.44 9.76 -25.32
C GLU B 61 17.76 9.88 -23.84
N LEU B 62 18.47 10.94 -23.47
CA LEU B 62 18.85 11.14 -22.06
C LEU B 62 17.62 11.42 -21.20
N VAL B 63 16.72 12.27 -21.67
CA VAL B 63 15.56 12.60 -20.86
C VAL B 63 14.66 11.40 -20.68
N GLN B 64 14.46 10.61 -21.72
CA GLN B 64 13.67 9.39 -21.61
C GLN B 64 14.35 8.44 -20.62
N ALA B 65 15.68 8.36 -20.69
CA ALA B 65 16.44 7.51 -19.79
C ALA B 65 16.28 7.98 -18.35
N PHE B 66 16.28 9.29 -18.15
CA PHE B 66 16.12 9.87 -16.81
C PHE B 66 14.79 9.46 -16.21
N TYR B 67 13.69 9.65 -16.96
CA TYR B 67 12.37 9.33 -16.42
C TYR B 67 12.19 7.81 -16.35
N ASN B 68 12.87 7.07 -17.22
CA ASN B 68 12.86 5.61 -17.09
C ASN B 68 13.43 5.18 -15.74
N ALA B 69 14.53 5.81 -15.34
CA ALA B 69 15.16 5.49 -14.07
C ALA B 69 14.26 5.89 -12.91
N ARG B 70 13.69 7.09 -12.98
CA ARG B 70 12.79 7.55 -11.93
C ARG B 70 11.59 6.60 -11.81
N ARG B 71 11.05 6.17 -12.94
CA ARG B 71 9.86 5.33 -12.95
C ARG B 71 10.18 3.95 -12.36
N ARG B 72 11.34 3.42 -12.70
CA ARG B 72 11.74 2.13 -12.16
C ARG B 72 11.97 2.23 -10.65
N GLN B 73 12.64 3.29 -10.21
CA GLN B 73 12.96 3.43 -8.78
C GLN B 73 11.70 3.60 -7.95
N LEU B 74 10.69 4.25 -8.52
CA LEU B 74 9.44 4.48 -7.81
C LEU B 74 8.76 3.18 -7.43
N GLN B 75 8.98 2.13 -8.22
CA GLN B 75 8.28 0.86 -8.06
C GLN B 75 9.11 -0.22 -7.35
N GLN B 76 10.23 0.17 -6.75
CA GLN B 76 11.05 -0.77 -5.98
C GLN B 76 10.36 -1.04 -4.66
N PRO B 77 10.49 -2.28 -4.16
CA PRO B 77 9.77 -2.66 -2.94
C PRO B 77 10.11 -1.82 -1.71
N GLU B 78 11.31 -1.24 -1.63
CA GLU B 78 11.65 -0.46 -0.46
C GLU B 78 10.96 0.92 -0.43
N ILE B 79 10.32 1.30 -1.54
CA ILE B 79 9.59 2.57 -1.62
C ILE B 79 8.15 2.35 -1.17
N GLN B 80 7.77 3.05 -0.11
CA GLN B 80 6.45 2.88 0.48
C GLN B 80 5.89 4.21 0.93
N PRO B 81 4.56 4.38 0.88
CA PRO B 81 4.02 5.57 1.55
C PRO B 81 4.42 5.60 3.01
N ASN B 82 4.59 6.79 3.57
CA ASN B 82 4.90 6.90 5.00
C ASN B 82 3.69 7.43 5.77
N ALA B 83 3.85 7.55 7.08
CA ALA B 83 2.73 7.93 7.95
C ALA B 83 2.09 9.26 7.56
N ALA B 84 2.86 10.16 6.94
CA ALA B 84 2.26 11.41 6.47
C ALA B 84 1.26 11.16 5.34
N HIS B 85 1.64 10.31 4.38
CA HIS B 85 0.70 9.95 3.32
C HIS B 85 -0.56 9.32 3.91
N LEU B 86 -0.35 8.42 4.86
CA LEU B 86 -1.47 7.69 5.45
C LEU B 86 -2.40 8.65 6.19
N ALA B 87 -1.82 9.61 6.91
CA ALA B 87 -2.64 10.58 7.63
C ALA B 87 -3.52 11.39 6.68
N LEU B 88 -3.01 11.74 5.50
CA LEU B 88 -3.84 12.48 4.55
C LEU B 88 -5.00 11.64 4.00
N ALA B 89 -4.80 10.32 3.91
CA ALA B 89 -5.86 9.43 3.49
C ALA B 89 -6.95 9.38 4.57
N LYS B 90 -6.54 9.41 5.83
CA LYS B 90 -7.51 9.45 6.93
C LYS B 90 -8.25 10.77 6.96
N LEU B 91 -7.58 11.84 6.58
CA LEU B 91 -8.24 13.13 6.55
C LEU B 91 -9.32 13.15 5.47
N GLN B 92 -9.02 12.58 4.31
CA GLN B 92 -10.00 12.50 3.25
C GLN B 92 -11.19 11.62 3.69
N ASP B 93 -10.89 10.51 4.36
CA ASP B 93 -11.94 9.63 4.89
C ASP B 93 -12.90 10.42 5.77
N ALA B 94 -12.37 11.32 6.59
CA ALA B 94 -13.18 12.06 7.55
C ALA B 94 -14.01 13.16 6.90
N LEU B 95 -13.49 13.76 5.83
CA LEU B 95 -14.09 14.94 5.25
C LEU B 95 -14.83 14.70 3.94
N GLY B 96 -14.55 13.60 3.27
CA GLY B 96 -15.19 13.28 2.00
C GLY B 96 -15.06 14.36 0.95
N ASP B 97 -16.20 14.82 0.44
CA ASP B 97 -16.23 15.77 -0.67
C ASP B 97 -15.73 17.15 -0.29
N ARG B 98 -15.55 17.40 1.00
CA ARG B 98 -15.09 18.70 1.44
C ARG B 98 -13.55 18.75 1.58
N PHE B 99 -12.89 17.74 1.03
CA PHE B 99 -11.44 17.63 1.04
C PHE B 99 -10.96 17.56 -0.40
N LEU B 100 -9.86 18.25 -0.70
CA LEU B 100 -9.18 18.10 -1.98
C LEU B 100 -7.69 18.05 -1.76
N LEU B 101 -7.02 17.10 -2.40
CA LEU B 101 -5.57 16.98 -2.36
C LEU B 101 -4.97 17.32 -3.73
N VAL B 102 -4.10 18.32 -3.75
CA VAL B 102 -3.36 18.70 -4.95
C VAL B 102 -1.90 18.41 -4.68
N THR B 103 -1.22 17.73 -5.59
CA THR B 103 0.18 17.46 -5.37
C THR B 103 1.05 17.90 -6.53
N GLN B 104 2.22 18.44 -6.17
CA GLN B 104 3.29 18.72 -7.12
C GLN B 104 4.06 17.47 -7.46
N ASN B 105 3.84 16.41 -6.69
CA ASN B 105 4.61 15.22 -6.85
C ASN B 105 4.16 14.37 -8.01
N ILE B 106 5.13 13.68 -8.62
CA ILE B 106 4.85 12.81 -9.76
C ILE B 106 4.84 11.35 -9.36
N ASP B 107 5.09 11.08 -8.09
CA ASP B 107 4.96 9.73 -7.56
C ASP B 107 3.49 9.37 -7.30
N ASN B 108 3.25 8.09 -6.99
CA ASN B 108 1.91 7.57 -6.72
C ASN B 108 1.69 7.19 -5.26
N LEU B 109 2.44 7.81 -4.36
CA LEU B 109 2.36 7.39 -2.95
C LEU B 109 1.08 7.84 -2.30
N HIS B 110 0.48 8.94 -2.74
CA HIS B 110 -0.80 9.35 -2.19
C HIS B 110 -1.86 8.31 -2.55
N GLU B 111 -1.81 7.82 -3.79
CA GLU B 111 -2.76 6.80 -4.25
C GLU B 111 -2.55 5.49 -3.49
N ARG B 112 -1.30 5.10 -3.29
CA ARG B 112 -1.00 3.86 -2.56
C ARG B 112 -1.47 3.94 -1.11
N ALA B 113 -1.51 5.16 -0.59
CA ALA B 113 -1.93 5.38 0.80
C ALA B 113 -3.43 5.33 0.96
N GLY B 114 -4.14 5.52 -0.13
CA GLY B 114 -5.60 5.44 -0.13
C GLY B 114 -6.33 6.71 -0.50
N ASN B 115 -5.60 7.79 -0.81
CA ASN B 115 -6.30 8.98 -1.28
C ASN B 115 -6.85 8.74 -2.69
N THR B 116 -7.99 9.36 -3.00
CA THR B 116 -8.59 9.28 -4.33
C THR B 116 -8.86 10.68 -4.85
N ASN B 117 -9.01 10.82 -6.18
CA ASN B 117 -9.28 12.09 -6.81
C ASN B 117 -8.17 13.12 -6.54
N VAL B 118 -6.94 12.63 -6.51
CA VAL B 118 -5.78 13.49 -6.32
C VAL B 118 -5.50 14.27 -7.59
N ILE B 119 -5.33 15.59 -7.50
CA ILE B 119 -4.94 16.38 -8.65
C ILE B 119 -3.43 16.44 -8.73
N HIS B 120 -2.85 15.82 -9.77
CA HIS B 120 -1.41 15.87 -10.01
C HIS B 120 -1.09 17.03 -10.92
N MET B 121 -0.83 18.18 -10.32
CA MET B 121 -0.68 19.39 -11.11
C MET B 121 0.59 19.35 -11.96
N HIS B 122 1.54 18.49 -11.64
CA HIS B 122 2.75 18.37 -12.46
C HIS B 122 2.83 17.03 -13.16
N GLY B 123 1.70 16.32 -13.21
CA GLY B 123 1.66 15.05 -13.92
C GLY B 123 2.06 13.87 -13.07
N GLU B 124 2.28 12.73 -13.73
CA GLU B 124 2.50 11.47 -13.06
C GLU B 124 3.55 10.63 -13.76
N LEU B 125 4.50 10.13 -12.99
CA LEU B 125 5.58 9.31 -13.52
C LEU B 125 5.07 8.01 -14.15
N LEU B 126 3.97 7.47 -13.64
CA LEU B 126 3.44 6.19 -14.14
C LEU B 126 2.40 6.40 -15.25
N LYS B 127 2.52 7.52 -15.96
CA LYS B 127 1.71 7.76 -17.14
C LYS B 127 2.58 8.37 -18.23
N VAL B 128 2.24 8.08 -19.48
CA VAL B 128 2.89 8.73 -20.61
C VAL B 128 1.81 9.41 -21.45
N ARG B 129 2.26 10.26 -22.36
CA ARG B 129 1.36 11.09 -23.14
C ARG B 129 1.72 10.98 -24.61
N CYS B 130 0.71 10.87 -25.46
CA CYS B 130 0.94 10.95 -26.88
C CYS B 130 1.33 12.37 -27.22
N SER B 131 2.47 12.52 -27.89
CA SER B 131 3.00 13.86 -28.15
C SER B 131 2.16 14.62 -29.19
N GLN B 132 1.22 13.93 -29.84
CA GLN B 132 0.38 14.54 -30.88
C GLN B 132 -1.04 14.80 -30.39
N SER B 133 -1.68 13.81 -29.80
CA SER B 133 -3.10 13.92 -29.41
C SER B 133 -3.27 14.42 -27.99
N GLY B 134 -2.23 14.25 -27.18
CA GLY B 134 -2.29 14.61 -25.78
C GLY B 134 -2.97 13.56 -24.95
N GLN B 135 -3.38 12.44 -25.55
CA GLN B 135 -4.02 11.40 -24.77
C GLN B 135 -3.03 10.74 -23.82
N VAL B 136 -3.50 10.38 -22.64
CA VAL B 136 -2.67 9.86 -21.58
C VAL B 136 -2.88 8.35 -21.41
N LEU B 137 -1.76 7.63 -21.19
CA LEU B 137 -1.74 6.19 -20.98
C LEU B 137 -1.09 5.86 -19.65
N ASP B 138 -1.62 4.85 -18.96
CA ASP B 138 -0.92 4.25 -17.83
C ASP B 138 0.31 3.54 -18.38
N TRP B 139 1.43 3.63 -17.67
CA TRP B 139 2.69 3.12 -18.19
C TRP B 139 3.63 2.85 -17.04
N THR B 140 4.02 1.60 -16.85
CA THR B 140 4.87 1.24 -15.72
C THR B 140 6.30 0.88 -16.11
N GLY B 141 6.54 0.62 -17.39
CA GLY B 141 7.85 0.20 -17.86
C GLY B 141 8.66 1.31 -18.50
N ASP B 142 9.78 0.93 -19.12
CA ASP B 142 10.58 1.87 -19.89
C ASP B 142 9.84 2.41 -21.11
N VAL B 143 10.19 3.64 -21.48
CA VAL B 143 9.79 4.19 -22.78
C VAL B 143 11.02 4.20 -23.68
N THR B 144 10.91 3.45 -24.78
CA THR B 144 12.00 3.31 -25.75
C THR B 144 11.64 4.04 -27.03
N PRO B 145 12.62 4.25 -27.93
CA PRO B 145 12.32 4.94 -29.18
C PRO B 145 11.31 4.21 -30.05
N GLU B 146 11.20 2.90 -29.84
CA GLU B 146 10.25 2.09 -30.60
C GLU B 146 8.81 2.23 -30.08
N ASP B 147 8.65 2.84 -28.91
CA ASP B 147 7.33 2.99 -28.33
C ASP B 147 6.59 4.20 -28.92
N LYS B 148 5.47 3.90 -29.59
CA LYS B 148 4.63 4.94 -30.16
C LYS B 148 3.20 4.76 -29.68
N CYS B 149 2.38 5.77 -29.89
CA CYS B 149 1.02 5.77 -29.39
C CYS B 149 0.15 4.76 -30.12
N HIS B 150 -1.03 4.50 -29.60
CA HIS B 150 -2.01 3.71 -30.33
C HIS B 150 -3.31 4.50 -30.44
N CYS B 151 -3.20 5.83 -30.31
CA CYS B 151 -4.38 6.68 -30.37
C CYS B 151 -4.48 7.44 -31.70
N CYS B 152 -3.45 7.36 -32.52
CA CYS B 152 -3.38 8.13 -33.77
C CYS B 152 -3.24 7.24 -34.99
N GLN B 153 -3.83 7.67 -36.10
CA GLN B 153 -3.66 6.92 -37.35
C GLN B 153 -2.18 6.83 -37.72
N PHE B 154 -1.48 7.95 -37.59
CA PHE B 154 -0.04 7.97 -37.75
C PHE B 154 0.60 7.97 -36.37
N PRO B 155 1.12 6.80 -35.92
CA PRO B 155 1.61 6.72 -34.54
C PRO B 155 2.68 7.76 -34.21
N ALA B 156 2.58 8.40 -33.04
CA ALA B 156 3.52 9.44 -32.65
C ALA B 156 4.33 9.02 -31.42
N PRO B 157 5.50 9.64 -31.20
CA PRO B 157 6.31 9.32 -30.02
C PRO B 157 5.60 9.62 -28.72
N LEU B 158 5.96 8.88 -27.69
CA LEU B 158 5.43 9.06 -26.34
C LEU B 158 6.40 9.87 -25.50
N ARG B 159 5.87 10.73 -24.64
CA ARG B 159 6.68 11.47 -23.69
C ARG B 159 6.18 11.20 -22.29
N PRO B 160 7.03 11.46 -21.28
CA PRO B 160 6.51 11.36 -19.92
C PRO B 160 5.37 12.33 -19.69
N HIS B 161 4.35 11.89 -18.99
CA HIS B 161 3.24 12.77 -18.63
C HIS B 161 3.61 13.54 -17.36
N VAL B 162 4.66 14.34 -17.51
CA VAL B 162 5.25 15.15 -16.45
C VAL B 162 5.34 16.56 -16.97
N VAL B 163 4.84 17.51 -16.18
CA VAL B 163 4.89 18.91 -16.58
C VAL B 163 6.29 19.45 -16.35
N TRP B 164 6.87 20.01 -17.41
CA TRP B 164 8.21 20.55 -17.33
C TRP B 164 8.15 22.04 -17.07
N PHE B 165 9.26 22.59 -16.56
CA PHE B 165 9.35 24.02 -16.39
C PHE B 165 9.14 24.70 -17.74
N GLY B 166 8.27 25.71 -17.77
CA GLY B 166 7.87 26.35 -19.02
C GLY B 166 6.55 25.86 -19.57
N GLU B 167 6.03 24.77 -19.00
CA GLU B 167 4.75 24.22 -19.41
C GLU B 167 3.67 24.53 -18.38
N MET B 168 2.43 24.51 -18.81
CA MET B 168 1.31 24.85 -17.92
C MET B 168 0.97 23.68 -17.01
N PRO B 169 0.80 23.95 -15.71
CA PRO B 169 0.38 22.83 -14.86
C PRO B 169 -1.00 22.32 -15.20
N LEU B 170 -1.29 21.14 -14.71
CA LEU B 170 -2.57 20.48 -14.97
C LEU B 170 -3.59 20.78 -13.90
N GLY B 171 -4.86 20.84 -14.28
CA GLY B 171 -5.95 21.03 -13.34
C GLY B 171 -6.02 22.39 -12.68
N MET B 172 -5.46 23.41 -13.29
CA MET B 172 -5.36 24.72 -12.68
C MET B 172 -6.73 25.36 -12.42
N ASP B 173 -7.68 25.18 -13.32
CA ASP B 173 -9.01 25.73 -13.07
C ASP B 173 -9.62 25.16 -11.81
N GLU B 174 -9.52 23.84 -11.66
CA GLU B 174 -10.05 23.16 -10.49
C GLU B 174 -9.34 23.58 -9.20
N ILE B 175 -8.03 23.76 -9.29
CA ILE B 175 -7.24 24.20 -8.14
C ILE B 175 -7.63 25.60 -7.69
N TYR B 176 -7.77 26.53 -8.62
CA TYR B 176 -8.12 27.88 -8.23
C TYR B 176 -9.56 27.95 -7.69
N MET B 177 -10.47 27.11 -8.18
CA MET B 177 -11.81 27.00 -7.59
C MET B 177 -11.69 26.60 -6.13
N ALA B 178 -10.88 25.57 -5.89
CA ALA B 178 -10.71 25.06 -4.54
C ALA B 178 -10.06 26.08 -3.63
N LEU B 179 -9.11 26.85 -4.16
CA LEU B 179 -8.42 27.85 -3.37
C LEU B 179 -9.38 28.92 -2.90
N SER B 180 -10.38 29.27 -3.72
CA SER B 180 -11.31 30.30 -3.28
C SER B 180 -12.39 29.73 -2.36
N MET B 181 -12.50 28.40 -2.29
CA MET B 181 -13.53 27.74 -1.49
C MET B 181 -13.00 27.28 -0.13
N ALA B 182 -11.68 27.09 -0.01
CA ALA B 182 -11.14 26.45 1.18
C ALA B 182 -11.28 27.29 2.43
N ASP B 183 -11.71 26.62 3.51
CA ASP B 183 -11.69 27.21 4.86
C ASP B 183 -10.29 27.05 5.48
N ILE B 184 -9.65 25.93 5.17
CA ILE B 184 -8.29 25.66 5.62
C ILE B 184 -7.43 25.21 4.44
N PHE B 185 -6.28 25.86 4.25
CA PHE B 185 -5.30 25.50 3.22
C PHE B 185 -4.03 25.03 3.90
N ILE B 186 -3.60 23.80 3.59
CA ILE B 186 -2.41 23.23 4.20
C ILE B 186 -1.39 22.90 3.12
N ALA B 187 -0.19 23.48 3.22
CA ALA B 187 0.90 23.19 2.31
C ALA B 187 1.89 22.29 3.03
N ILE B 188 2.17 21.12 2.45
CA ILE B 188 3.00 20.11 3.10
C ILE B 188 4.19 19.76 2.25
N GLY B 189 5.40 19.98 2.78
CA GLY B 189 6.59 19.54 2.09
C GLY B 189 6.94 20.31 0.84
N THR B 190 6.53 21.57 0.75
CA THR B 190 6.82 22.40 -0.43
C THR B 190 8.02 23.30 -0.16
N SER B 191 8.76 23.68 -1.21
CA SER B 191 10.00 24.44 -1.02
C SER B 191 9.79 25.94 -1.04
N GLY B 192 8.73 26.37 -1.70
CA GLY B 192 8.44 27.78 -1.88
C GLY B 192 9.15 28.37 -3.09
N HIS B 193 9.85 27.52 -3.85
CA HIS B 193 10.62 27.94 -5.03
C HIS B 193 9.95 27.64 -6.37
N VAL B 194 8.92 26.79 -6.36
CA VAL B 194 8.27 26.39 -7.60
C VAL B 194 6.90 27.04 -7.75
N TYR B 195 6.75 27.89 -8.76
CA TYR B 195 5.49 28.57 -9.04
C TYR B 195 4.79 27.88 -10.22
N PRO B 196 3.47 28.03 -10.35
CA PRO B 196 2.58 28.82 -9.50
C PRO B 196 2.28 28.21 -8.11
N ALA B 197 2.67 26.97 -7.85
CA ALA B 197 2.24 26.33 -6.60
C ALA B 197 2.62 27.16 -5.37
N ALA B 198 3.81 27.78 -5.40
CA ALA B 198 4.30 28.52 -4.23
C ALA B 198 3.47 29.75 -3.94
N GLY B 199 2.67 30.18 -4.91
CA GLY B 199 1.81 31.32 -4.74
C GLY B 199 0.41 30.99 -4.24
N PHE B 200 0.08 29.71 -4.14
CA PHE B 200 -1.27 29.30 -3.76
C PHE B 200 -1.65 29.83 -2.36
N VAL B 201 -0.68 29.90 -1.47
CA VAL B 201 -0.96 30.34 -0.10
C VAL B 201 -1.50 31.79 -0.12
N HIS B 202 -0.95 32.61 -1.01
CA HIS B 202 -1.42 34.00 -1.14
C HIS B 202 -2.86 34.04 -1.62
N GLU B 203 -3.17 33.22 -2.61
CA GLU B 203 -4.53 33.14 -3.11
C GLU B 203 -5.49 32.66 -2.02
N ALA B 204 -5.11 31.62 -1.27
CA ALA B 204 -5.94 31.11 -0.21
C ALA B 204 -6.22 32.20 0.84
N LYS B 205 -5.18 32.93 1.19
CA LYS B 205 -5.29 33.96 2.22
C LYS B 205 -6.24 35.05 1.76
N LEU B 206 -6.13 35.44 0.50
CA LEU B 206 -7.03 36.46 -0.09
C LEU B 206 -8.51 36.11 0.06
N HIS B 207 -8.85 34.82 -0.01
CA HIS B 207 -10.24 34.38 0.09
C HIS B 207 -10.62 33.97 1.50
N GLY B 208 -9.74 34.28 2.46
CA GLY B 208 -10.06 34.15 3.87
C GLY B 208 -9.75 32.81 4.51
N ALA B 209 -8.97 31.98 3.82
CA ALA B 209 -8.64 30.67 4.38
C ALA B 209 -7.62 30.81 5.51
N HIS B 210 -7.74 29.90 6.47
CA HIS B 210 -6.70 29.71 7.46
C HIS B 210 -5.60 28.85 6.81
N THR B 211 -4.38 29.36 6.85
CA THR B 211 -3.27 28.75 6.14
C THR B 211 -2.29 28.07 7.11
N VAL B 212 -1.89 26.85 6.74
CA VAL B 212 -1.01 26.02 7.57
C VAL B 212 0.17 25.50 6.72
N GLU B 213 1.40 25.62 7.23
CA GLU B 213 2.54 24.95 6.60
C GLU B 213 3.03 23.82 7.50
N LEU B 214 3.21 22.64 6.92
CA LEU B 214 3.83 21.49 7.59
C LEU B 214 5.04 21.12 6.75
N ASN B 215 6.24 21.20 7.30
CA ASN B 215 7.43 20.99 6.47
C ASN B 215 8.62 20.47 7.26
N LEU B 216 9.60 19.91 6.58
CA LEU B 216 10.83 19.51 7.28
C LEU B 216 11.57 20.75 7.71
N GLU B 217 11.60 21.74 6.82
CA GLU B 217 12.15 23.05 7.16
C GLU B 217 11.33 24.15 6.48
N PRO B 218 11.38 25.37 7.00
CA PRO B 218 10.54 26.46 6.48
C PRO B 218 10.71 26.71 4.99
N SER B 219 9.59 26.87 4.27
CA SER B 219 9.68 27.20 2.85
C SER B 219 9.90 28.69 2.69
N GLN B 220 10.22 29.12 1.48
CA GLN B 220 10.50 30.54 1.23
C GLN B 220 9.32 31.42 1.61
N VAL B 221 8.10 30.90 1.45
CA VAL B 221 6.90 31.68 1.71
C VAL B 221 6.26 31.33 3.06
N GLY B 222 7.05 30.72 3.94
CA GLY B 222 6.57 30.30 5.25
C GLY B 222 5.93 31.40 6.08
N ASN B 223 6.52 32.60 6.03
CA ASN B 223 6.04 33.74 6.82
CA ASN B 223 6.04 33.74 6.82
C ASN B 223 4.59 34.13 6.51
N GLU B 224 4.08 33.71 5.36
CA GLU B 224 2.71 34.04 4.96
C GLU B 224 1.66 33.07 5.50
N PHE B 225 2.13 32.00 6.14
CA PHE B 225 1.24 31.02 6.75
C PHE B 225 0.88 31.45 8.15
N ALA B 226 -0.37 31.24 8.53
CA ALA B 226 -0.84 31.63 9.85
C ALA B 226 -0.33 30.68 10.94
N GLU B 227 -0.26 29.41 10.59
CA GLU B 227 0.08 28.33 11.51
C GLU B 227 1.15 27.47 10.85
N LYS B 228 2.17 27.04 11.60
CA LYS B 228 3.32 26.38 10.99
C LYS B 228 3.88 25.33 11.94
N TYR B 229 4.18 24.14 11.45
CA TYR B 229 4.85 23.12 12.25
C TYR B 229 5.92 22.46 11.42
N TYR B 230 7.08 22.24 12.03
CA TYR B 230 8.23 21.72 11.33
C TYR B 230 8.79 20.49 12.01
N GLY B 231 9.38 19.62 11.18
CA GLY B 231 9.90 18.35 11.65
C GLY B 231 9.71 17.28 10.61
N PRO B 232 10.14 16.06 10.94
CA PRO B 232 9.94 14.97 10.00
C PRO B 232 8.47 14.82 9.59
N ALA B 233 8.18 14.69 8.30
CA ALA B 233 6.78 14.62 7.86
C ALA B 233 6.01 13.52 8.53
N SER B 234 6.67 12.37 8.72
CA SER B 234 5.99 11.20 9.25
C SER B 234 5.54 11.38 10.70
N GLN B 235 6.03 12.43 11.36
CA GLN B 235 5.62 12.72 12.71
C GLN B 235 4.74 13.98 12.73
N VAL B 236 5.15 15.01 11.99
CA VAL B 236 4.44 16.27 12.03
C VAL B 236 3.04 16.19 11.36
N VAL B 237 2.96 15.50 10.23
CA VAL B 237 1.69 15.50 9.52
C VAL B 237 0.61 14.69 10.28
N PRO B 238 0.92 13.47 10.78
CA PRO B 238 -0.08 12.76 11.59
C PRO B 238 -0.48 13.54 12.83
N GLU B 239 0.47 14.24 13.46
CA GLU B 239 0.14 15.03 14.63
C GLU B 239 -0.83 16.16 14.28
N PHE B 240 -0.59 16.85 13.17
CA PHE B 240 -1.52 17.91 12.80
C PHE B 240 -2.89 17.36 12.37
N VAL B 241 -2.92 16.29 11.59
CA VAL B 241 -4.19 15.70 11.18
C VAL B 241 -4.98 15.23 12.40
N GLU B 242 -4.31 14.66 13.39
CA GLU B 242 -4.96 14.26 14.63
C GLU B 242 -5.56 15.48 15.33
N LYS B 243 -4.80 16.57 15.40
CA LYS B 243 -5.28 17.80 16.01
C LYS B 243 -6.52 18.30 15.31
N LEU B 244 -6.45 18.35 13.98
CA LEU B 244 -7.54 18.83 13.17
C LEU B 244 -8.78 17.95 13.34
N LEU B 245 -8.61 16.64 13.33
CA LEU B 245 -9.75 15.73 13.46
C LEU B 245 -10.38 15.85 14.85
N LYS B 246 -9.55 16.07 15.87
CA LYS B 246 -10.09 16.20 17.23
C LYS B 246 -10.87 17.51 17.35
N GLY B 247 -10.39 18.56 16.70
CA GLY B 247 -11.09 19.83 16.68
C GLY B 247 -12.47 19.71 16.05
N LEU B 248 -12.60 18.77 15.12
CA LEU B 248 -13.88 18.50 14.48
C LEU B 248 -14.81 17.70 15.38
N LYS B 249 -14.30 17.25 16.52
CA LYS B 249 -15.06 16.44 17.49
C LYS B 249 -15.34 15.06 16.91
N GLY C 2 8.13 -6.05 12.14
CA GLY C 2 7.48 -6.72 13.25
C GLY C 2 8.22 -7.96 13.71
N GLY C 3 9.40 -8.19 13.13
CA GLY C 3 10.20 -9.34 13.49
C GLY C 3 9.77 -10.54 12.67
N ALA C 4 10.48 -11.65 12.88
CA ALA C 4 10.23 -12.85 12.12
C ALA C 4 9.08 -13.65 12.70
N ARG C 6 7.30 -16.30 14.54
CA ARG C 6 7.78 -16.87 15.81
C ARG C 6 6.62 -17.27 16.71
N HIS C 7 6.81 -18.35 17.47
CA HIS C 7 5.80 -18.81 18.40
C HIS C 7 6.01 -18.25 19.80
N ARG C 8 4.89 -18.06 20.50
CA ARG C 8 4.83 -17.58 21.87
C ARG C 8 5.02 -16.08 21.98
N LYS D 1 -5.14 30.89 -15.26
CA LYS D 1 -4.41 31.78 -14.36
C LYS D 1 -3.16 31.06 -13.84
N GLY D 2 -2.27 31.82 -13.20
CA GLY D 2 -1.13 31.22 -12.51
C GLY D 2 0.16 31.24 -13.30
N GLY D 3 0.06 31.06 -14.63
CA GLY D 3 1.27 31.04 -15.44
C GLY D 3 1.89 29.65 -15.45
N ALA D 4 3.01 29.52 -16.14
CA ALA D 4 3.64 28.22 -16.33
C ALA D 4 4.48 27.81 -15.14
N ARG D 6 7.46 27.28 -13.05
CA ARG D 6 8.70 28.08 -13.10
C ARG D 6 9.36 28.13 -11.75
N HIS D 7 10.70 28.24 -11.76
CA HIS D 7 11.47 28.31 -10.54
C HIS D 7 11.78 29.76 -10.13
N ARG D 8 11.84 29.96 -8.81
CA ARG D 8 12.14 31.22 -8.14
C ARG D 8 10.96 32.17 -8.07
#